data_5JVV
#
_entry.id   5JVV
#
_cell.length_a   45.282
_cell.length_b   91.469
_cell.length_c   59.532
_cell.angle_alpha   90.00
_cell.angle_beta   93.80
_cell.angle_gamma   90.00
#
_symmetry.space_group_name_H-M   'P 1 21 1'
#
loop_
_entity.id
_entity.type
_entity.pdbx_description
1 polymer beta-1,3-glucosyltransferase
2 water water
#
_entity_poly.entity_id   1
_entity_poly.type   'polypeptide(L)'
_entity_poly.pdbx_seq_one_letter_code
;QSYTLKDSLSGKDFLDAFSFFADRDPTNGFVHYVSREVAEGEGLVKVTSSGSVYLGVDHTNTLSLTDIGRKSVRLESTDK
IDHGLVIADIKHMPGSICGAWPAFWTVGDTWPDDGEIDIIEGVNTQSQNTMVLHTKGNCEITSDDDQTGTTTSNQCSLDA
GPAGCVVQGTPGSYGSSFNEQGGGVYAMQWTDEFIKLWFFPRSAIPKSIESDSPDVSEFGTPMGNFKGTCDIGKEFKPQK
LVFDTTFCGDWAGSVYGQSDSCPLTKEDSLASCIDFVATKPEEFKEAYWEINYLKTYT
;
_entity_poly.pdbx_strand_id   B,A
#
# COMPACT_ATOMS: atom_id res chain seq x y z
N SER A 2 -5.85 -3.62 -34.82
CA SER A 2 -5.59 -2.22 -34.50
C SER A 2 -6.53 -1.68 -33.41
N TYR A 3 -6.65 -0.36 -33.35
CA TYR A 3 -7.22 0.33 -32.19
C TYR A 3 -8.36 1.31 -32.55
N THR A 4 -9.37 1.38 -31.69
CA THR A 4 -10.49 2.30 -31.86
CA THR A 4 -10.46 2.34 -31.90
C THR A 4 -10.38 3.46 -30.87
N LEU A 5 -10.67 4.68 -31.32
CA LEU A 5 -10.63 5.85 -30.43
C LEU A 5 -11.66 5.74 -29.33
N LYS A 6 -11.21 5.86 -28.08
CA LYS A 6 -12.10 5.79 -26.93
C LYS A 6 -12.46 7.19 -26.47
N ASP A 7 -11.49 7.88 -25.88
CA ASP A 7 -11.70 9.28 -25.48
C ASP A 7 -10.78 10.22 -26.25
N SER A 8 -11.31 11.38 -26.64
CA SER A 8 -10.49 12.44 -27.19
C SER A 8 -10.70 13.69 -26.33
N LEU A 9 -9.67 14.09 -25.62
CA LEU A 9 -9.80 15.13 -24.59
C LEU A 9 -8.90 16.33 -24.85
N SER A 10 -9.50 17.51 -24.99
CA SER A 10 -8.74 18.75 -25.07
C SER A 10 -9.55 19.87 -24.44
N GLY A 11 -8.88 20.96 -24.07
CA GLY A 11 -9.55 22.14 -23.55
C GLY A 11 -10.43 21.87 -22.36
N LYS A 12 -11.62 22.48 -22.34
CA LYS A 12 -12.54 22.32 -21.22
C LYS A 12 -12.94 20.87 -21.01
N ASP A 13 -13.11 20.12 -22.11
CA ASP A 13 -13.47 18.71 -22.03
C ASP A 13 -12.38 17.92 -21.31
N PHE A 14 -11.14 18.29 -21.54
CA PHE A 14 -10.02 17.68 -20.84
C PHE A 14 -10.17 17.95 -19.34
N LEU A 15 -10.30 19.22 -18.97
CA LEU A 15 -10.45 19.56 -17.56
C LEU A 15 -11.63 18.85 -16.90
N ASP A 16 -12.75 18.76 -17.62
CA ASP A 16 -13.94 18.10 -17.09
C ASP A 16 -13.75 16.60 -16.87
N ALA A 17 -12.72 16.03 -17.49
CA ALA A 17 -12.49 14.59 -17.41
C ALA A 17 -11.55 14.18 -16.29
N PHE A 18 -11.17 15.16 -15.45
CA PHE A 18 -10.29 14.88 -14.32
C PHE A 18 -10.90 15.43 -13.04
N SER A 19 -10.63 14.75 -11.93
CA SER A 19 -10.92 15.32 -10.63
C SER A 19 -9.67 15.99 -10.13
N PHE A 20 -9.83 17.00 -9.29
CA PHE A 20 -8.68 17.72 -8.74
C PHE A 20 -8.40 17.22 -7.32
N PHE A 21 -7.25 16.59 -7.15
CA PHE A 21 -6.83 16.10 -5.84
C PHE A 21 -6.40 17.29 -5.01
N ALA A 22 -6.97 17.44 -3.82
CA ALA A 22 -6.75 18.67 -3.05
C ALA A 22 -6.40 18.39 -1.59
N ASP A 23 -5.91 17.18 -1.32
CA ASP A 23 -5.47 16.83 0.02
C ASP A 23 -3.96 16.96 0.17
N ARG A 24 -3.44 16.63 1.34
CA ARG A 24 -2.00 16.68 1.57
C ARG A 24 -1.31 15.72 0.60
N ASP A 25 -0.15 16.15 0.11
CA ASP A 25 0.58 15.35 -0.88
C ASP A 25 0.97 13.97 -0.34
N PRO A 26 0.56 12.89 -1.03
CA PRO A 26 1.00 11.57 -0.59
C PRO A 26 2.53 11.40 -0.60
N THR A 27 3.21 12.15 -1.47
CA THR A 27 4.68 12.12 -1.52
C THR A 27 5.36 13.17 -0.61
N ASN A 28 4.58 13.78 0.27
CA ASN A 28 5.09 14.63 1.36
C ASN A 28 5.78 15.89 0.87
N GLY A 29 5.38 16.34 -0.31
CA GLY A 29 5.97 17.52 -0.88
C GLY A 29 5.58 18.83 -0.22
N PHE A 30 6.39 19.85 -0.48
CA PHE A 30 6.09 21.21 -0.07
C PHE A 30 5.18 21.82 -1.13
N VAL A 31 3.96 21.28 -1.20
CA VAL A 31 3.00 21.66 -2.22
C VAL A 31 1.64 21.85 -1.54
N HIS A 32 0.84 22.75 -2.09
CA HIS A 32 -0.52 22.97 -1.62
C HIS A 32 -1.43 22.70 -2.82
N TYR A 33 -1.94 21.48 -2.89
CA TYR A 33 -2.81 21.09 -3.98
C TYR A 33 -4.18 21.74 -3.77
N VAL A 34 -4.70 22.40 -4.79
CA VAL A 34 -5.96 23.15 -4.67
C VAL A 34 -7.03 22.68 -5.64
N SER A 35 -8.28 23.04 -5.33
CA SER A 35 -9.43 22.65 -6.15
C SER A 35 -9.40 23.38 -7.48
N ARG A 36 -10.18 22.91 -8.44
CA ARG A 36 -10.23 23.54 -9.75
C ARG A 36 -10.67 25.01 -9.70
N GLU A 37 -11.72 25.34 -8.94
CA GLU A 37 -12.17 26.73 -8.91
C GLU A 37 -11.12 27.66 -8.27
N VAL A 38 -10.37 27.16 -7.29
CA VAL A 38 -9.30 27.95 -6.71
C VAL A 38 -8.20 28.15 -7.73
N ALA A 39 -7.86 27.08 -8.44
CA ALA A 39 -6.77 27.11 -9.41
C ALA A 39 -7.10 28.06 -10.55
N GLU A 40 -8.34 28.03 -11.02
CA GLU A 40 -8.75 28.91 -12.09
C GLU A 40 -8.73 30.37 -11.65
N GLY A 41 -9.13 30.61 -10.40
CA GLY A 41 -9.16 31.96 -9.88
C GLY A 41 -7.79 32.59 -9.71
N GLU A 42 -6.79 31.75 -9.47
CA GLU A 42 -5.44 32.23 -9.17
C GLU A 42 -4.54 32.04 -10.39
N GLY A 43 -5.15 31.64 -11.50
CA GLY A 43 -4.45 31.53 -12.78
C GLY A 43 -3.60 30.28 -12.92
N LEU A 44 -3.73 29.32 -12.01
CA LEU A 44 -2.96 28.08 -12.12
C LEU A 44 -3.49 27.14 -13.19
N VAL A 45 -4.76 27.30 -13.53
CA VAL A 45 -5.40 26.47 -14.55
C VAL A 45 -6.17 27.37 -15.48
N LYS A 46 -5.99 27.15 -16.79
CA LYS A 46 -6.71 27.91 -17.79
C LYS A 46 -6.64 27.16 -19.10
N VAL A 47 -7.56 27.50 -20.01
CA VAL A 47 -7.47 27.02 -21.39
C VAL A 47 -6.88 28.19 -22.16
N THR A 48 -5.85 27.91 -22.94
CA THR A 48 -5.17 28.98 -23.66
C THR A 48 -5.87 29.31 -24.97
N SER A 49 -5.45 30.39 -25.60
CA SER A 49 -6.05 30.81 -26.86
C SER A 49 -5.79 29.84 -28.00
N SER A 50 -4.76 28.98 -27.87
CA SER A 50 -4.51 27.98 -28.89
C SER A 50 -5.32 26.70 -28.63
N GLY A 51 -6.03 26.67 -27.51
CA GLY A 51 -6.89 25.54 -27.21
C GLY A 51 -6.28 24.50 -26.28
N SER A 52 -5.03 24.73 -25.87
CA SER A 52 -4.34 23.81 -24.98
C SER A 52 -4.76 24.08 -23.53
N VAL A 53 -4.41 23.15 -22.64
CA VAL A 53 -4.68 23.30 -21.23
C VAL A 53 -3.37 23.61 -20.48
N TYR A 54 -3.41 24.68 -19.69
CA TYR A 54 -2.29 25.08 -18.85
C TYR A 54 -2.54 24.64 -17.41
N LEU A 55 -1.58 23.91 -16.85
CA LEU A 55 -1.58 23.56 -15.43
C LEU A 55 -0.28 24.06 -14.83
N GLY A 56 -0.35 25.11 -14.03
CA GLY A 56 0.84 25.75 -13.48
C GLY A 56 0.82 25.81 -11.97
N VAL A 57 1.74 26.61 -11.43
CA VAL A 57 1.89 26.73 -9.99
C VAL A 57 1.92 28.20 -9.60
N ASP A 58 1.85 28.47 -8.30
CA ASP A 58 2.00 29.84 -7.81
C ASP A 58 3.45 30.26 -8.04
N HIS A 59 3.66 31.22 -8.95
CA HIS A 59 5.00 31.76 -9.20
C HIS A 59 5.07 33.23 -8.82
N THR A 60 4.24 33.61 -7.86
CA THR A 60 4.09 35.01 -7.45
C THR A 60 4.48 35.24 -6.00
N ASN A 61 3.99 34.39 -5.12
CA ASN A 61 4.08 34.64 -3.68
C ASN A 61 5.30 34.02 -3.01
N THR A 62 5.85 34.76 -2.05
CA THR A 62 6.90 34.26 -1.16
C THR A 62 6.20 33.58 0.00
N LEU A 63 6.70 32.42 0.42
CA LEU A 63 5.99 31.58 1.38
C LEU A 63 6.76 31.33 2.66
N SER A 64 6.02 31.08 3.74
CA SER A 64 6.66 30.65 4.99
C SER A 64 7.27 29.26 4.83
N LEU A 65 8.37 29.02 5.53
CA LEU A 65 9.00 27.70 5.49
C LEU A 65 8.11 26.65 6.15
N THR A 66 7.13 27.09 6.94
CA THR A 66 6.21 26.16 7.57
C THR A 66 4.80 26.22 6.96
N ASP A 67 4.70 26.83 5.77
CA ASP A 67 3.48 26.77 4.99
C ASP A 67 3.27 25.34 4.53
N ILE A 68 2.05 24.99 4.15
CA ILE A 68 1.74 23.69 3.58
C ILE A 68 2.63 23.47 2.35
N GLY A 69 2.75 24.50 1.52
CA GLY A 69 3.62 24.43 0.37
C GLY A 69 3.19 25.36 -0.73
N ARG A 70 3.89 25.31 -1.85
CA ARG A 70 3.59 26.18 -2.99
C ARG A 70 2.42 25.59 -3.76
N LYS A 71 1.46 26.44 -4.13
CA LYS A 71 0.24 25.95 -4.77
C LYS A 71 0.44 25.34 -6.14
N SER A 72 -0.27 24.25 -6.37
CA SER A 72 -0.16 23.48 -7.59
C SER A 72 -1.46 22.69 -7.73
N VAL A 73 -1.52 21.84 -8.75
CA VAL A 73 -2.67 20.97 -8.95
C VAL A 73 -2.25 19.54 -9.27
N ARG A 74 -3.16 18.61 -9.01
CA ARG A 74 -2.96 17.21 -9.31
C ARG A 74 -4.28 16.70 -9.86
N LEU A 75 -4.27 16.38 -11.15
CA LEU A 75 -5.47 15.95 -11.86
C LEU A 75 -5.45 14.43 -12.00
N GLU A 76 -6.56 13.79 -11.62
CA GLU A 76 -6.69 12.34 -11.70
C GLU A 76 -7.91 12.02 -12.55
N SER A 77 -7.75 11.21 -13.59
CA SER A 77 -8.85 11.00 -14.53
C SER A 77 -10.04 10.35 -13.83
N THR A 78 -11.24 10.76 -14.23
CA THR A 78 -12.45 10.16 -13.69
C THR A 78 -12.67 8.77 -14.27
N ASP A 79 -12.41 8.61 -15.56
CA ASP A 79 -12.52 7.31 -16.20
C ASP A 79 -11.16 6.62 -16.19
N LYS A 80 -11.16 5.31 -16.00
CA LYS A 80 -9.91 4.57 -15.95
C LYS A 80 -9.56 3.93 -17.29
N ILE A 81 -8.26 3.67 -17.48
CA ILE A 81 -7.79 3.00 -18.68
C ILE A 81 -7.43 1.56 -18.36
N ASP A 82 -7.71 0.65 -19.29
CA ASP A 82 -7.39 -0.76 -19.08
C ASP A 82 -6.88 -1.37 -20.37
N HIS A 83 -5.55 -1.48 -20.45
CA HIS A 83 -4.86 -1.83 -21.69
C HIS A 83 -5.13 -0.79 -22.78
N GLY A 84 -4.62 -1.04 -23.98
CA GLY A 84 -4.85 -0.14 -25.10
C GLY A 84 -3.72 0.86 -25.33
N LEU A 85 -4.05 1.99 -25.94
CA LEU A 85 -3.05 3.03 -26.18
C LEU A 85 -3.43 4.32 -25.48
N VAL A 86 -2.43 5.02 -24.98
CA VAL A 86 -2.62 6.37 -24.46
C VAL A 86 -1.68 7.29 -25.23
N ILE A 87 -2.22 8.38 -25.79
CA ILE A 87 -1.43 9.34 -26.54
C ILE A 87 -1.59 10.71 -25.93
N ALA A 88 -0.50 11.27 -25.42
CA ALA A 88 -0.56 12.61 -24.84
C ALA A 88 0.31 13.57 -25.65
N ASP A 89 -0.31 14.58 -26.26
CA ASP A 89 0.44 15.60 -26.95
C ASP A 89 0.66 16.76 -25.97
N ILE A 90 1.92 16.95 -25.57
CA ILE A 90 2.26 17.90 -24.51
C ILE A 90 3.21 18.95 -25.09
N LYS A 91 2.80 20.21 -25.04
CA LYS A 91 3.62 21.29 -25.58
C LYS A 91 4.72 21.71 -24.60
N HIS A 92 4.44 21.60 -23.31
CA HIS A 92 5.34 22.11 -22.28
C HIS A 92 5.13 21.27 -21.03
N MET A 93 6.20 21.00 -20.30
CA MET A 93 6.11 20.35 -19.01
C MET A 93 6.92 21.17 -18.02
N PRO A 94 6.77 20.90 -16.72
CA PRO A 94 7.56 21.73 -15.79
C PRO A 94 9.05 21.59 -16.08
N GLY A 95 9.75 22.73 -16.01
CA GLY A 95 11.13 22.78 -16.43
C GLY A 95 12.12 22.16 -15.48
N SER A 96 13.38 22.24 -15.87
CA SER A 96 14.48 21.74 -15.06
C SER A 96 14.77 22.80 -14.02
N ILE A 97 14.10 22.68 -12.87
CA ILE A 97 14.01 23.75 -11.89
C ILE A 97 14.21 23.17 -10.50
N CYS A 98 15.08 23.79 -9.69
CA CYS A 98 15.34 23.29 -8.34
C CYS A 98 14.05 23.19 -7.53
N GLY A 99 13.84 22.03 -6.93
CA GLY A 99 12.65 21.78 -6.12
C GLY A 99 11.51 21.09 -6.82
N ALA A 100 11.44 21.22 -8.15
CA ALA A 100 10.28 20.71 -8.90
C ALA A 100 10.24 19.19 -9.00
N TRP A 101 9.03 18.65 -9.02
CA TRP A 101 8.83 17.20 -9.16
C TRP A 101 7.53 16.95 -9.93
N PRO A 102 7.59 17.09 -11.26
CA PRO A 102 6.44 16.84 -12.12
C PRO A 102 6.28 15.35 -12.43
N ALA A 103 5.04 14.94 -12.72
CA ALA A 103 4.80 13.55 -13.12
C ALA A 103 3.56 13.41 -13.96
N PHE A 104 3.69 12.60 -15.01
CA PHE A 104 2.55 12.07 -15.77
C PHE A 104 2.62 10.57 -15.52
N TRP A 105 1.59 10.03 -14.87
CA TRP A 105 1.70 8.67 -14.37
C TRP A 105 0.31 8.03 -14.20
N THR A 106 0.28 6.76 -13.81
CA THR A 106 -0.98 6.05 -13.63
C THR A 106 -1.02 5.38 -12.28
N VAL A 107 -2.20 5.32 -11.69
CA VAL A 107 -2.33 4.73 -10.36
C VAL A 107 -3.68 4.05 -10.19
N GLY A 108 -3.70 3.00 -9.37
CA GLY A 108 -4.95 2.34 -9.02
C GLY A 108 -5.64 3.03 -7.87
N ASP A 109 -6.50 2.31 -7.16
CA ASP A 109 -7.29 2.93 -6.09
C ASP A 109 -6.52 3.10 -4.79
N THR A 110 -5.39 2.41 -4.67
CA THR A 110 -4.49 2.62 -3.54
C THR A 110 -3.06 2.89 -4.03
N TRP A 111 -2.28 3.52 -3.18
CA TRP A 111 -0.91 3.92 -3.51
C TRP A 111 -0.12 3.94 -2.21
N PRO A 112 1.16 3.49 -2.25
CA PRO A 112 1.92 3.04 -3.42
C PRO A 112 1.90 1.54 -3.65
N ASP A 113 1.14 0.83 -2.82
CA ASP A 113 1.35 -0.61 -2.73
C ASP A 113 0.62 -1.49 -3.75
N ASP A 114 -0.04 -0.87 -4.71
CA ASP A 114 -0.56 -1.59 -5.88
C ASP A 114 0.37 -1.40 -7.07
N GLY A 115 1.44 -0.62 -6.87
CA GLY A 115 2.36 -0.29 -7.95
C GLY A 115 1.84 0.89 -8.77
N GLU A 116 2.58 1.23 -9.82
CA GLU A 116 2.24 2.39 -10.65
C GLU A 116 3.07 2.39 -11.93
N ILE A 117 2.59 3.14 -12.93
CA ILE A 117 3.34 3.35 -14.16
C ILE A 117 3.70 4.82 -14.25
N ASP A 118 4.99 5.14 -14.24
CA ASP A 118 5.41 6.54 -14.32
C ASP A 118 5.92 6.81 -15.71
N ILE A 119 5.14 7.58 -16.49
CA ILE A 119 5.43 7.81 -17.90
C ILE A 119 6.42 8.95 -18.11
N ILE A 120 6.14 10.09 -17.46
CA ILE A 120 7.07 11.20 -17.37
C ILE A 120 7.30 11.46 -15.89
N GLU A 121 8.55 11.44 -15.46
CA GLU A 121 8.86 11.77 -14.07
C GLU A 121 10.30 12.24 -13.93
N GLY A 122 10.51 13.20 -13.03
CA GLY A 122 11.85 13.69 -12.78
C GLY A 122 11.83 14.65 -11.62
N VAL A 123 13.01 15.08 -11.19
CA VAL A 123 13.11 16.01 -10.08
C VAL A 123 14.18 17.05 -10.35
N ASN A 124 13.97 18.23 -9.76
CA ASN A 124 14.97 19.28 -9.77
C ASN A 124 15.44 19.60 -11.18
N THR A 125 16.73 19.70 -11.41
CA THR A 125 17.23 20.15 -12.71
C THR A 125 17.52 19.01 -13.70
N GLN A 126 16.88 17.87 -13.48
CA GLN A 126 16.97 16.72 -14.37
C GLN A 126 16.72 17.13 -15.83
N SER A 127 17.42 16.50 -16.77
CA SER A 127 17.30 16.88 -18.18
C SER A 127 16.80 15.77 -19.08
N GLN A 128 16.83 14.53 -18.60
CA GLN A 128 16.35 13.39 -19.39
C GLN A 128 15.25 12.68 -18.61
N ASN A 129 14.22 12.21 -19.29
CA ASN A 129 13.10 11.58 -18.60
C ASN A 129 13.49 10.30 -17.88
N THR A 130 12.82 10.03 -16.77
CA THR A 130 12.95 8.71 -16.15
CA THR A 130 12.93 8.77 -16.05
C THR A 130 11.59 8.03 -16.12
N MET A 131 11.52 6.94 -16.87
CA MET A 131 10.31 6.11 -16.92
C MET A 131 10.48 5.04 -15.85
N VAL A 132 9.46 4.83 -15.03
CA VAL A 132 9.57 3.89 -13.92
C VAL A 132 8.30 3.04 -13.81
N LEU A 133 8.46 1.74 -13.61
CA LEU A 133 7.33 0.92 -13.17
C LEU A 133 7.62 0.40 -11.77
N HIS A 134 6.56 0.27 -10.97
CA HIS A 134 6.62 -0.44 -9.70
C HIS A 134 5.53 -1.48 -9.78
N THR A 135 5.86 -2.74 -9.51
CA THR A 135 4.87 -3.82 -9.61
C THR A 135 4.75 -4.56 -8.28
N LYS A 136 3.60 -5.20 -8.06
CA LYS A 136 3.46 -6.08 -6.88
C LYS A 136 4.26 -7.37 -7.07
N GLY A 137 4.18 -7.96 -8.27
CA GLY A 137 4.83 -9.23 -8.53
C GLY A 137 6.29 -9.12 -8.91
N ASN A 138 6.99 -10.26 -8.86
CA ASN A 138 8.37 -10.32 -9.35
C ASN A 138 8.41 -10.11 -10.85
N CYS A 139 9.05 -9.02 -11.27
CA CYS A 139 9.12 -8.65 -12.68
C CYS A 139 10.49 -8.07 -12.96
N GLU A 140 11.26 -8.73 -13.80
CA GLU A 140 12.53 -8.20 -14.28
C GLU A 140 12.38 -7.82 -15.74
N ILE A 141 12.69 -6.56 -16.09
CA ILE A 141 12.62 -6.16 -17.50
C ILE A 141 13.91 -6.55 -18.20
N THR A 142 13.79 -7.10 -19.41
CA THR A 142 14.93 -7.69 -20.10
C THR A 142 14.99 -7.31 -21.58
N SER A 143 14.38 -6.19 -21.93
CA SER A 143 14.29 -5.78 -23.33
C SER A 143 15.15 -4.55 -23.65
N ASP A 144 16.28 -4.42 -22.97
CA ASP A 144 17.17 -3.26 -23.16
C ASP A 144 17.74 -3.20 -24.59
N ASP A 145 17.53 -4.27 -25.35
CA ASP A 145 17.99 -4.36 -26.72
C ASP A 145 16.86 -4.19 -27.76
N ASP A 146 15.67 -3.84 -27.30
CA ASP A 146 14.62 -3.33 -28.17
C ASP A 146 14.05 -2.07 -27.52
N GLN A 147 14.92 -1.11 -27.29
CA GLN A 147 14.59 0.07 -26.51
C GLN A 147 15.68 1.11 -26.71
N THR A 148 15.29 2.36 -26.94
CA THR A 148 16.29 3.43 -27.15
C THR A 148 16.79 4.01 -25.84
N GLY A 149 15.96 3.96 -24.80
CA GLY A 149 16.37 4.40 -23.48
C GLY A 149 17.37 3.44 -22.86
N THR A 150 17.88 3.81 -21.69
CA THR A 150 18.86 2.98 -21.00
C THR A 150 18.29 2.50 -19.67
N THR A 151 18.23 1.19 -19.48
CA THR A 151 17.73 0.65 -18.22
C THR A 151 18.78 0.86 -17.12
N THR A 152 18.36 1.51 -16.03
CA THR A 152 19.27 1.74 -14.90
C THR A 152 18.94 0.88 -13.69
N SER A 153 17.74 0.32 -13.67
CA SER A 153 17.38 -0.67 -12.66
CA SER A 153 17.33 -0.64 -12.65
C SER A 153 16.34 -1.61 -13.28
N ASN A 154 16.61 -2.91 -13.19
CA ASN A 154 15.77 -3.87 -13.90
C ASN A 154 14.72 -4.65 -13.10
N GLN A 155 14.65 -4.47 -11.78
CA GLN A 155 13.63 -5.16 -10.99
C GLN A 155 12.50 -4.20 -10.61
N CYS A 156 11.29 -4.51 -11.06
CA CYS A 156 10.14 -3.65 -10.84
C CYS A 156 9.46 -3.80 -9.48
N SER A 157 9.61 -4.95 -8.82
CA SER A 157 8.76 -5.24 -7.67
C SER A 157 9.05 -4.40 -6.44
N LEU A 158 7.99 -4.09 -5.71
CA LEU A 158 8.11 -3.33 -4.47
C LEU A 158 8.92 -4.12 -3.48
N ASP A 159 8.72 -5.45 -3.54
CA ASP A 159 9.37 -6.39 -2.63
C ASP A 159 10.88 -6.42 -2.86
N ALA A 160 11.30 -6.23 -4.10
CA ALA A 160 12.72 -6.27 -4.45
C ALA A 160 13.46 -5.00 -4.06
N GLY A 161 12.73 -3.89 -3.95
CA GLY A 161 13.33 -2.63 -3.58
C GLY A 161 12.46 -1.44 -3.94
N PRO A 162 12.83 -0.26 -3.45
CA PRO A 162 12.02 0.95 -3.64
C PRO A 162 12.22 1.64 -5.00
N ALA A 163 13.31 1.35 -5.69
CA ALA A 163 13.62 2.03 -6.94
C ALA A 163 12.64 1.69 -8.06
N GLY A 164 12.14 0.45 -8.07
CA GLY A 164 11.35 -0.02 -9.20
C GLY A 164 12.25 -0.24 -10.39
N CYS A 165 11.67 -0.55 -11.55
CA CYS A 165 12.46 -0.70 -12.76
C CYS A 165 12.45 0.61 -13.54
N VAL A 166 13.64 1.12 -13.81
CA VAL A 166 13.82 2.48 -14.29
C VAL A 166 14.54 2.46 -15.62
N VAL A 167 13.99 3.19 -16.60
CA VAL A 167 14.66 3.38 -17.89
C VAL A 167 14.84 4.88 -18.12
N GLN A 168 16.09 5.30 -18.35
CA GLN A 168 16.38 6.70 -18.63
C GLN A 168 16.11 7.02 -20.09
N GLY A 169 15.35 8.09 -20.34
CA GLY A 169 15.03 8.52 -21.69
C GLY A 169 16.20 9.21 -22.37
N THR A 170 16.03 9.52 -23.65
CA THR A 170 17.08 10.12 -24.45
C THR A 170 17.09 11.65 -24.31
N PRO A 171 18.15 12.32 -24.81
CA PRO A 171 18.18 13.79 -24.73
C PRO A 171 16.95 14.47 -25.32
N GLY A 172 16.47 15.52 -24.64
CA GLY A 172 15.34 16.28 -25.10
C GLY A 172 14.00 15.75 -24.62
N SER A 173 14.05 14.70 -23.80
CA SER A 173 12.81 14.00 -23.42
C SER A 173 12.18 14.53 -22.13
N TYR A 174 12.80 15.53 -21.50
CA TYR A 174 12.29 16.02 -20.22
C TYR A 174 12.63 17.48 -19.98
N GLY A 175 11.76 18.16 -19.23
CA GLY A 175 12.09 19.45 -18.63
C GLY A 175 12.47 20.53 -19.62
N SER A 176 13.51 21.29 -19.29
CA SER A 176 13.87 22.45 -20.09
C SER A 176 14.20 22.11 -21.54
N SER A 177 14.88 20.98 -21.75
CA SER A 177 15.25 20.55 -23.11
C SER A 177 14.03 20.15 -23.94
N PHE A 178 13.05 19.56 -23.28
CA PHE A 178 11.79 19.16 -23.90
C PHE A 178 11.02 20.41 -24.30
N ASN A 179 10.97 21.39 -23.39
CA ASN A 179 10.21 22.60 -23.62
C ASN A 179 10.73 23.44 -24.78
N GLU A 180 12.05 23.54 -24.90
CA GLU A 180 12.61 24.49 -25.87
C GLU A 180 12.44 24.01 -27.30
N GLN A 181 12.10 22.73 -27.46
CA GLN A 181 11.82 22.18 -28.78
C GLN A 181 10.33 21.93 -28.99
N GLY A 182 9.49 22.53 -28.15
CA GLY A 182 8.05 22.48 -28.30
C GLY A 182 7.39 21.20 -27.83
N GLY A 183 8.05 20.48 -26.92
CA GLY A 183 7.53 19.22 -26.43
C GLY A 183 7.38 18.15 -27.50
N GLY A 184 6.30 17.39 -27.43
CA GLY A 184 6.07 16.32 -28.39
C GLY A 184 4.96 15.43 -27.89
N VAL A 185 4.99 14.17 -28.31
CA VAL A 185 3.97 13.21 -27.90
C VAL A 185 4.60 12.11 -27.05
N TYR A 186 3.98 11.81 -25.91
CA TYR A 186 4.29 10.59 -25.17
C TYR A 186 3.19 9.59 -25.42
N ALA A 187 3.58 8.37 -25.77
CA ALA A 187 2.64 7.30 -26.09
C ALA A 187 2.91 6.08 -25.24
N MET A 188 1.83 5.44 -24.79
CA MET A 188 1.94 4.18 -24.07
C MET A 188 1.11 3.12 -24.76
N GLN A 189 1.70 1.95 -25.02
CA GLN A 189 0.95 0.77 -25.40
C GLN A 189 1.00 -0.23 -24.24
N TRP A 190 -0.16 -0.67 -23.80
CA TRP A 190 -0.27 -1.57 -22.63
C TRP A 190 -1.00 -2.85 -23.06
N THR A 191 -0.29 -3.98 -23.00
CA THR A 191 -0.88 -5.29 -23.31
C THR A 191 -0.63 -6.20 -22.11
N ASP A 192 -1.09 -7.44 -22.16
CA ASP A 192 -0.85 -8.36 -21.05
C ASP A 192 0.65 -8.51 -20.82
N GLU A 193 1.40 -8.57 -21.91
CA GLU A 193 2.81 -8.94 -21.83
C GLU A 193 3.74 -7.78 -21.53
N PHE A 194 3.35 -6.57 -21.95
CA PHE A 194 4.27 -5.45 -21.84
C PHE A 194 3.61 -4.09 -21.72
N ILE A 195 4.38 -3.13 -21.22
CA ILE A 195 4.05 -1.72 -21.36
C ILE A 195 5.20 -1.08 -22.13
N LYS A 196 4.89 -0.48 -23.26
CA LYS A 196 5.91 0.20 -24.07
C LYS A 196 5.64 1.69 -24.07
N LEU A 197 6.69 2.48 -23.89
CA LEU A 197 6.56 3.93 -23.89
C LEU A 197 7.42 4.56 -24.98
N TRP A 198 6.86 5.52 -25.72
CA TRP A 198 7.59 6.25 -26.75
C TRP A 198 7.53 7.75 -26.48
N PHE A 199 8.59 8.45 -26.86
CA PHE A 199 8.55 9.91 -26.91
C PHE A 199 8.85 10.34 -28.35
N PHE A 200 7.96 11.13 -28.93
CA PHE A 200 8.14 11.66 -30.28
C PHE A 200 8.25 13.16 -30.19
N PRO A 201 9.45 13.70 -30.48
CA PRO A 201 9.67 15.16 -30.48
C PRO A 201 8.72 15.85 -31.45
N ARG A 202 8.39 17.10 -31.15
CA ARG A 202 7.57 17.93 -32.03
C ARG A 202 8.17 17.91 -33.43
N SER A 203 7.31 17.89 -34.44
CA SER A 203 7.73 17.79 -35.86
C SER A 203 8.34 16.44 -36.24
N ALA A 204 8.24 15.46 -35.36
CA ALA A 204 8.70 14.09 -35.64
C ALA A 204 7.71 13.08 -35.07
N ILE A 205 6.44 13.43 -35.14
CA ILE A 205 5.36 12.60 -34.63
C ILE A 205 4.82 11.73 -35.78
N PRO A 206 4.68 10.42 -35.55
CA PRO A 206 4.15 9.50 -36.55
C PRO A 206 2.83 9.98 -37.15
N LYS A 207 2.67 9.87 -38.47
CA LYS A 207 1.47 10.39 -39.12
C LYS A 207 0.19 9.67 -38.67
N SER A 208 0.28 8.40 -38.30
CA SER A 208 -0.91 7.64 -37.88
C SER A 208 -1.42 8.13 -36.52
N ILE A 209 -0.54 8.71 -35.72
CA ILE A 209 -0.97 9.35 -34.49
C ILE A 209 -1.67 10.67 -34.81
N GLU A 210 -1.09 11.43 -35.72
CA GLU A 210 -1.69 12.70 -36.14
C GLU A 210 -3.07 12.51 -36.75
N SER A 211 -3.31 11.36 -37.38
CA SER A 211 -4.59 11.12 -38.04
CA SER A 211 -4.56 11.06 -38.07
C SER A 211 -5.59 10.36 -37.17
N ASP A 212 -5.23 10.15 -35.91
CA ASP A 212 -6.09 9.44 -34.95
C ASP A 212 -6.45 8.01 -35.39
N SER A 213 -5.51 7.39 -36.09
CA SER A 213 -5.64 5.99 -36.48
C SER A 213 -4.28 5.32 -36.27
N PRO A 214 -3.86 5.20 -35.01
CA PRO A 214 -2.48 4.80 -34.68
C PRO A 214 -2.09 3.43 -35.19
N ASP A 215 -0.95 3.37 -35.86
CA ASP A 215 -0.34 2.11 -36.30
C ASP A 215 0.94 1.96 -35.50
N VAL A 216 0.93 1.08 -34.50
CA VAL A 216 2.08 0.92 -33.61
C VAL A 216 3.37 0.52 -34.36
N SER A 217 3.22 -0.13 -35.51
CA SER A 217 4.36 -0.50 -36.32
C SER A 217 5.18 0.72 -36.76
N GLU A 218 4.52 1.85 -37.00
CA GLU A 218 5.29 3.01 -37.40
C GLU A 218 5.88 3.80 -36.25
N PHE A 219 5.64 3.36 -35.01
CA PHE A 219 6.16 4.06 -33.85
C PHE A 219 7.68 3.83 -33.73
N GLY A 220 8.16 2.76 -34.35
CA GLY A 220 9.56 2.41 -34.23
C GLY A 220 9.90 1.83 -32.87
N THR A 221 11.17 1.87 -32.52
CA THR A 221 11.65 1.29 -31.27
C THR A 221 11.15 2.09 -30.07
N PRO A 222 10.61 1.41 -29.04
CA PRO A 222 10.14 2.12 -27.85
C PRO A 222 11.28 2.85 -27.15
N MET A 223 10.99 3.91 -26.42
CA MET A 223 12.02 4.51 -25.58
C MET A 223 12.19 3.71 -24.30
N GLY A 224 11.08 3.21 -23.76
CA GLY A 224 11.11 2.31 -22.63
C GLY A 224 10.31 1.06 -22.95
N ASN A 225 10.94 -0.11 -22.87
CA ASN A 225 10.28 -1.35 -23.22
C ASN A 225 10.14 -2.22 -21.98
N PHE A 226 9.01 -2.11 -21.30
CA PHE A 226 8.81 -2.84 -20.06
C PHE A 226 8.21 -4.21 -20.33
N LYS A 227 9.11 -5.17 -20.49
CA LYS A 227 8.78 -6.50 -20.97
C LYS A 227 9.87 -7.41 -20.41
N GLY A 228 9.49 -8.59 -19.96
CA GLY A 228 10.47 -9.48 -19.33
C GLY A 228 9.90 -10.70 -18.65
N THR A 229 10.29 -10.88 -17.38
CA THR A 229 10.08 -12.16 -16.71
C THR A 229 8.72 -12.33 -16.04
N CYS A 230 7.86 -11.33 -16.22
CA CYS A 230 6.47 -11.46 -15.80
C CYS A 230 5.63 -10.87 -16.91
N ASP A 231 4.33 -11.16 -16.90
CA ASP A 231 3.43 -10.45 -17.81
C ASP A 231 3.18 -9.08 -17.20
N ILE A 232 3.98 -8.10 -17.63
CA ILE A 232 4.01 -6.77 -17.02
C ILE A 232 2.63 -6.11 -16.96
N GLY A 233 1.86 -6.24 -18.04
CA GLY A 233 0.57 -5.56 -18.09
C GLY A 233 -0.52 -6.19 -17.24
N LYS A 234 -0.28 -7.42 -16.76
CA LYS A 234 -1.24 -8.06 -15.87
C LYS A 234 -1.01 -7.65 -14.42
N GLU A 235 0.05 -6.89 -14.20
CA GLU A 235 0.36 -6.35 -12.87
C GLU A 235 -0.53 -5.19 -12.47
N PHE A 236 -1.30 -4.68 -13.42
CA PHE A 236 -2.08 -3.47 -13.18
C PHE A 236 -3.56 -3.68 -13.45
N LYS A 237 -4.38 -3.26 -12.50
CA LYS A 237 -5.79 -3.11 -12.69
C LYS A 237 -6.11 -1.84 -13.47
N PRO A 238 -7.35 -1.60 -13.85
CA PRO A 238 -7.61 -0.34 -14.57
C PRO A 238 -7.03 0.86 -13.79
N GLN A 239 -6.41 1.80 -14.52
CA GLN A 239 -5.62 2.86 -13.89
C GLN A 239 -6.23 4.21 -14.14
N LYS A 240 -6.10 5.11 -13.19
CA LYS A 240 -6.38 6.53 -13.44
C LYS A 240 -5.12 7.17 -13.98
N LEU A 241 -5.28 8.08 -14.96
CA LEU A 241 -4.18 8.89 -15.45
C LEU A 241 -4.02 10.13 -14.56
N VAL A 242 -2.79 10.50 -14.27
CA VAL A 242 -2.52 11.60 -13.34
C VAL A 242 -1.47 12.54 -13.91
N PHE A 243 -1.77 13.84 -13.84
CA PHE A 243 -0.76 14.87 -14.09
C PHE A 243 -0.63 15.64 -12.80
N ASP A 244 0.60 15.84 -12.34
CA ASP A 244 0.79 16.69 -11.18
C ASP A 244 2.15 17.37 -11.21
N THR A 245 2.31 18.38 -10.38
CA THR A 245 3.63 18.90 -10.04
C THR A 245 3.66 19.09 -8.53
N THR A 246 4.55 18.36 -7.85
CA THR A 246 4.80 18.60 -6.44
C THR A 246 6.17 19.23 -6.27
N PHE A 247 6.61 19.43 -5.03
CA PHE A 247 7.90 20.06 -4.77
C PHE A 247 8.57 19.34 -3.63
N CYS A 248 9.89 19.18 -3.69
CA CYS A 248 10.65 18.62 -2.58
C CYS A 248 10.13 17.22 -2.21
N GLY A 249 9.79 16.99 -0.94
CA GLY A 249 9.21 15.72 -0.57
C GLY A 249 10.14 14.52 -0.73
N ASP A 250 9.56 13.32 -0.84
CA ASP A 250 10.30 12.06 -0.75
C ASP A 250 11.51 11.96 -1.68
N TRP A 251 11.29 12.25 -2.95
CA TRP A 251 12.35 12.12 -3.95
C TRP A 251 13.09 13.43 -4.14
N ALA A 252 12.42 14.45 -4.69
CA ALA A 252 13.09 15.71 -5.00
C ALA A 252 13.84 16.29 -3.80
N GLY A 253 13.21 16.22 -2.63
CA GLY A 253 13.77 16.76 -1.41
C GLY A 253 14.98 16.01 -0.87
N SER A 254 15.03 14.70 -1.11
CA SER A 254 16.12 13.90 -0.57
C SER A 254 17.38 13.95 -1.44
N VAL A 255 17.22 14.14 -2.74
CA VAL A 255 18.38 14.18 -3.65
C VAL A 255 18.77 15.62 -4.04
N TYR A 256 17.99 16.58 -3.57
CA TYR A 256 18.24 17.99 -3.82
C TYR A 256 19.68 18.37 -3.46
N GLY A 257 20.38 19.00 -4.40
CA GLY A 257 21.71 19.52 -4.14
C GLY A 257 22.83 18.61 -4.62
N GLN A 258 22.51 17.40 -5.06
CA GLN A 258 23.53 16.49 -5.57
C GLN A 258 23.62 16.57 -7.09
N SER A 259 24.74 17.11 -7.59
CA SER A 259 24.98 17.20 -9.03
C SER A 259 23.86 17.88 -9.80
N ASP A 260 23.20 18.84 -9.18
CA ASP A 260 22.06 19.46 -9.83
C ASP A 260 22.15 20.98 -9.85
N SER A 261 23.23 21.52 -9.27
CA SER A 261 23.47 22.98 -9.19
C SER A 261 22.47 23.68 -8.26
N CYS A 262 21.77 22.92 -7.43
CA CYS A 262 20.80 23.51 -6.51
C CYS A 262 21.48 23.83 -5.19
N PRO A 263 21.26 25.06 -4.68
CA PRO A 263 22.02 25.53 -3.52
C PRO A 263 21.59 24.94 -2.17
N LEU A 264 22.56 24.52 -1.39
CA LEU A 264 22.32 23.96 -0.06
C LEU A 264 22.49 25.06 0.97
N THR A 265 21.37 25.49 1.55
CA THR A 265 21.35 26.67 2.41
C THR A 265 20.93 26.36 3.85
N LYS A 266 20.36 25.18 4.07
CA LYS A 266 19.81 24.85 5.38
C LYS A 266 20.41 23.57 5.93
N GLU A 267 19.74 22.96 6.91
CA GLU A 267 20.37 21.89 7.71
C GLU A 267 20.48 20.54 7.00
N ASP A 268 19.65 20.32 5.98
CA ASP A 268 19.77 19.14 5.13
C ASP A 268 19.15 19.45 3.78
N SER A 269 19.19 18.48 2.86
CA SER A 269 18.73 18.77 1.50
C SER A 269 17.25 19.11 1.46
N LEU A 270 16.44 18.43 2.27
CA LEU A 270 15.00 18.69 2.26
C LEU A 270 14.72 20.13 2.70
N ALA A 271 15.36 20.54 3.79
CA ALA A 271 15.19 21.91 4.26
C ALA A 271 15.70 22.96 3.26
N SER A 272 16.80 22.64 2.58
CA SER A 272 17.32 23.55 1.53
C SER A 272 16.36 23.63 0.37
N CYS A 273 15.75 22.50 0.02
CA CYS A 273 14.76 22.46 -1.04
C CYS A 273 13.57 23.35 -0.69
N ILE A 274 13.08 23.25 0.54
CA ILE A 274 11.94 24.04 0.98
C ILE A 274 12.30 25.53 0.94
N ASP A 275 13.51 25.86 1.38
CA ASP A 275 13.99 27.25 1.30
C ASP A 275 13.93 27.80 -0.13
N PHE A 276 14.41 27.04 -1.11
CA PHE A 276 14.41 27.49 -2.50
C PHE A 276 12.97 27.68 -2.99
N VAL A 277 12.14 26.67 -2.78
CA VAL A 277 10.77 26.72 -3.28
C VAL A 277 9.96 27.83 -2.60
N ALA A 278 10.15 27.99 -1.29
CA ALA A 278 9.41 29.03 -0.58
C ALA A 278 9.80 30.45 -0.96
N THR A 279 11.11 30.68 -1.16
CA THR A 279 11.62 32.05 -1.26
C THR A 279 11.89 32.56 -2.68
N LYS A 280 11.80 31.67 -3.67
CA LYS A 280 12.07 32.05 -5.06
C LYS A 280 10.89 31.80 -6.00
N PRO A 281 9.75 32.46 -5.75
CA PRO A 281 8.56 32.18 -6.57
C PRO A 281 8.78 32.40 -8.07
N GLU A 282 9.56 33.40 -8.46
CA GLU A 282 9.76 33.69 -9.89
C GLU A 282 10.47 32.56 -10.64
N GLU A 283 11.22 31.73 -9.92
CA GLU A 283 11.91 30.60 -10.53
C GLU A 283 10.94 29.53 -11.02
N PHE A 284 9.66 29.67 -10.66
CA PHE A 284 8.67 28.65 -11.00
C PHE A 284 7.72 29.04 -12.11
N LYS A 285 8.04 30.13 -12.80
CA LYS A 285 7.23 30.55 -13.93
CA LYS A 285 7.23 30.55 -13.93
C LYS A 285 7.18 29.46 -14.99
N GLU A 286 8.28 28.70 -15.12
CA GLU A 286 8.35 27.64 -16.13
C GLU A 286 7.91 26.28 -15.59
N ALA A 287 7.44 26.23 -14.35
CA ALA A 287 6.98 24.97 -13.78
C ALA A 287 5.50 24.75 -14.11
N TYR A 288 5.21 24.58 -15.40
CA TYR A 288 3.83 24.33 -15.84
C TYR A 288 3.74 23.29 -16.93
N TRP A 289 2.59 22.63 -16.96
CA TRP A 289 2.23 21.76 -18.09
C TRP A 289 1.40 22.56 -19.08
N GLU A 290 1.64 22.36 -20.37
CA GLU A 290 0.71 22.82 -21.38
C GLU A 290 0.39 21.61 -22.23
N ILE A 291 -0.84 21.15 -22.11
CA ILE A 291 -1.23 19.89 -22.74
C ILE A 291 -2.15 20.20 -23.92
N ASN A 292 -1.73 19.77 -25.11
CA ASN A 292 -2.56 19.94 -26.31
C ASN A 292 -3.76 19.01 -26.33
N TYR A 293 -3.50 17.72 -26.14
CA TYR A 293 -4.60 16.77 -26.06
C TYR A 293 -4.20 15.47 -25.40
N LEU A 294 -5.22 14.74 -24.97
CA LEU A 294 -5.05 13.38 -24.47
CA LEU A 294 -5.04 13.38 -24.48
C LEU A 294 -6.04 12.49 -25.19
N LYS A 295 -5.53 11.49 -25.91
CA LYS A 295 -6.39 10.55 -26.62
C LYS A 295 -6.12 9.12 -26.18
N THR A 296 -7.18 8.36 -25.96
CA THR A 296 -7.04 6.96 -25.57
C THR A 296 -7.68 6.06 -26.62
N TYR A 297 -7.16 4.84 -26.75
CA TYR A 297 -7.64 3.90 -27.77
C TYR A 297 -7.74 2.52 -27.15
N THR A 298 -8.65 1.71 -27.68
CA THR A 298 -8.81 0.34 -27.24
C THR A 298 -8.71 -0.60 -28.43
N SER B 2 -18.92 3.46 -0.63
CA SER B 2 -19.20 2.15 -1.21
C SER B 2 -17.91 1.36 -1.38
N TYR B 3 -17.75 0.02 -1.12
CA TYR B 3 -16.52 -0.77 -1.20
C TYR B 3 -16.51 -1.79 -2.33
N THR B 4 -15.45 -1.76 -3.13
CA THR B 4 -15.30 -2.70 -4.24
C THR B 4 -14.15 -3.67 -4.01
N LEU B 5 -14.39 -4.93 -4.35
CA LEU B 5 -13.40 -6.00 -4.22
C LEU B 5 -12.06 -5.60 -4.86
N LYS B 6 -11.00 -5.72 -4.11
CA LYS B 6 -9.67 -5.48 -4.56
C LYS B 6 -8.95 -6.79 -4.82
N ASP B 7 -8.69 -7.51 -3.79
CA ASP B 7 -8.11 -8.82 -4.01
C ASP B 7 -8.79 -9.89 -3.18
N SER B 8 -8.86 -11.08 -3.76
CA SER B 8 -9.47 -12.22 -3.10
C SER B 8 -8.41 -13.30 -2.98
N LEU B 9 -8.15 -13.73 -1.76
CA LEU B 9 -7.10 -14.73 -1.51
C LEU B 9 -7.65 -15.97 -0.82
N SER B 10 -7.51 -17.11 -1.47
CA SER B 10 -7.82 -18.39 -0.83
C SER B 10 -6.90 -19.47 -1.36
N GLY B 11 -6.80 -20.57 -0.63
CA GLY B 11 -6.02 -21.73 -1.06
C GLY B 11 -4.56 -21.40 -1.36
N LYS B 12 -4.06 -21.95 -2.47
CA LYS B 12 -2.66 -21.72 -2.85
C LYS B 12 -2.39 -20.23 -3.09
N ASP B 13 -3.36 -19.53 -3.67
CA ASP B 13 -3.23 -18.09 -3.91
C ASP B 13 -3.00 -17.35 -2.60
N PHE B 14 -3.68 -17.80 -1.54
CA PHE B 14 -3.47 -17.23 -0.21
C PHE B 14 -2.03 -17.47 0.24
N LEU B 15 -1.58 -18.72 0.17
CA LEU B 15 -0.22 -19.02 0.61
C LEU B 15 0.79 -18.21 -0.18
N ASP B 16 0.55 -18.09 -1.49
CA ASP B 16 1.45 -17.36 -2.39
C ASP B 16 1.55 -15.88 -2.05
N ALA B 17 0.55 -15.37 -1.33
CA ALA B 17 0.47 -13.94 -1.04
C ALA B 17 1.13 -13.58 0.29
N PHE B 18 1.70 -14.56 0.97
CA PHE B 18 2.39 -14.31 2.24
C PHE B 18 3.84 -14.77 2.19
N SER B 19 4.71 -14.02 2.87
CA SER B 19 6.05 -14.52 3.14
C SER B 19 6.03 -15.23 4.49
N PHE B 20 6.83 -16.27 4.62
CA PHE B 20 6.87 -17.02 5.88
C PHE B 20 8.06 -16.55 6.70
N PHE B 21 7.76 -15.88 7.81
CA PHE B 21 8.78 -15.40 8.72
C PHE B 21 9.43 -16.58 9.43
N ALA B 22 10.74 -16.72 9.29
CA ALA B 22 11.41 -17.90 9.80
C ALA B 22 12.62 -17.59 10.71
N ASP B 23 12.63 -16.40 11.29
CA ASP B 23 13.67 -16.02 12.26
C ASP B 23 13.18 -16.27 13.69
N ARG B 24 14.03 -15.93 14.65
CA ARG B 24 13.67 -16.00 16.06
C ARG B 24 12.45 -15.12 16.30
N ASP B 25 11.53 -15.60 17.14
CA ASP B 25 10.29 -14.88 17.41
C ASP B 25 10.58 -13.53 18.02
N PRO B 26 10.07 -12.43 17.42
CA PRO B 26 10.28 -11.13 18.05
C PRO B 26 9.65 -11.04 19.45
N THR B 27 8.63 -11.85 19.73
CA THR B 27 8.02 -11.84 21.06
C THR B 27 8.59 -12.93 22.00
N ASN B 28 9.76 -13.47 21.64
CA ASN B 28 10.54 -14.33 22.54
C ASN B 28 9.85 -15.63 22.92
N GLY B 29 8.97 -16.09 22.05
CA GLY B 29 8.20 -17.29 22.31
C GLY B 29 9.00 -18.58 22.21
N PHE B 30 8.47 -19.63 22.82
CA PHE B 30 9.03 -20.97 22.70
C PHE B 30 8.47 -21.58 21.42
N VAL B 31 8.91 -21.00 20.31
CA VAL B 31 8.40 -21.35 18.99
C VAL B 31 9.56 -21.47 18.01
N HIS B 32 9.43 -22.38 17.06
CA HIS B 32 10.35 -22.46 15.93
C HIS B 32 9.53 -22.16 14.68
N TYR B 33 9.63 -20.93 14.19
CA TYR B 33 8.95 -20.53 12.98
C TYR B 33 9.70 -21.12 11.78
N VAL B 34 8.99 -21.84 10.92
CA VAL B 34 9.63 -22.53 9.80
C VAL B 34 9.21 -21.95 8.45
N SER B 35 9.97 -22.29 7.42
CA SER B 35 9.68 -21.80 6.07
C SER B 35 8.45 -22.50 5.50
N ARG B 36 7.95 -21.96 4.39
CA ARG B 36 6.78 -22.53 3.75
C ARG B 36 7.03 -23.96 3.30
N GLU B 37 8.16 -24.17 2.64
CA GLU B 37 8.45 -25.48 2.06
CA GLU B 37 8.42 -25.48 2.07
C GLU B 37 8.69 -26.53 3.15
N VAL B 38 9.29 -26.10 4.26
CA VAL B 38 9.47 -26.99 5.40
C VAL B 38 8.10 -27.29 6.06
N ALA B 39 7.29 -26.25 6.25
CA ALA B 39 5.97 -26.45 6.83
C ALA B 39 5.11 -27.39 5.97
N GLU B 40 5.16 -27.22 4.65
CA GLU B 40 4.39 -28.08 3.76
C GLU B 40 4.88 -29.51 3.79
N GLY B 41 6.19 -29.70 3.79
CA GLY B 41 6.77 -31.03 3.84
C GLY B 41 6.43 -31.77 5.12
N GLU B 42 6.24 -31.02 6.21
CA GLU B 42 5.98 -31.63 7.50
C GLU B 42 4.50 -31.64 7.89
N GLY B 43 3.65 -31.11 7.01
CA GLY B 43 2.21 -31.13 7.23
C GLY B 43 1.66 -30.01 8.10
N LEU B 44 2.47 -29.01 8.41
CA LEU B 44 2.04 -27.89 9.23
C LEU B 44 1.21 -26.89 8.43
N VAL B 45 1.43 -26.87 7.13
CA VAL B 45 0.70 -25.97 6.23
C VAL B 45 0.20 -26.78 5.05
N LYS B 46 -1.05 -26.57 4.68
CA LYS B 46 -1.62 -27.26 3.54
C LYS B 46 -2.89 -26.58 3.10
N VAL B 47 -3.23 -26.77 1.83
CA VAL B 47 -4.55 -26.40 1.34
C VAL B 47 -5.43 -27.63 1.57
N THR B 48 -6.57 -27.43 2.22
CA THR B 48 -7.46 -28.55 2.52
C THR B 48 -8.33 -28.89 1.32
N SER B 49 -9.02 -30.02 1.39
CA SER B 49 -9.89 -30.46 0.30
C SER B 49 -11.06 -29.51 0.04
N SER B 50 -11.41 -28.69 1.04
CA SER B 50 -12.49 -27.71 0.89
C SER B 50 -11.98 -26.40 0.32
N GLY B 51 -10.68 -26.28 0.10
CA GLY B 51 -10.11 -25.08 -0.50
C GLY B 51 -9.60 -24.07 0.51
N SER B 52 -9.81 -24.36 1.79
CA SER B 52 -9.31 -23.50 2.86
C SER B 52 -7.81 -23.73 3.08
N VAL B 53 -7.22 -22.91 3.94
CA VAL B 53 -5.82 -23.03 4.29
C VAL B 53 -5.69 -23.42 5.75
N TYR B 54 -4.92 -24.47 6.00
CA TYR B 54 -4.62 -24.93 7.36
C TYR B 54 -3.22 -24.46 7.74
N LEU B 55 -3.13 -23.74 8.85
CA LEU B 55 -1.84 -23.36 9.43
C LEU B 55 -1.78 -23.97 10.82
N GLY B 56 -0.93 -24.98 10.99
CA GLY B 56 -0.91 -25.71 12.25
C GLY B 56 0.44 -25.71 12.92
N VAL B 57 0.54 -26.47 14.01
CA VAL B 57 1.79 -26.58 14.75
C VAL B 57 2.17 -28.05 14.89
N ASP B 58 3.38 -28.30 15.37
CA ASP B 58 3.82 -29.66 15.66
C ASP B 58 3.01 -30.10 16.87
N HIS B 59 2.14 -31.09 16.70
CA HIS B 59 1.37 -31.60 17.83
C HIS B 59 1.71 -33.07 18.06
N THR B 60 2.93 -33.45 17.69
CA THR B 60 3.36 -34.83 17.71
C THR B 60 4.56 -35.06 18.63
N ASN B 61 5.58 -34.21 18.49
CA ASN B 61 6.86 -34.46 19.14
C ASN B 61 7.01 -33.85 20.53
N THR B 62 7.65 -34.60 21.41
CA THR B 62 8.02 -34.10 22.74
C THR B 62 9.38 -33.41 22.60
N LEU B 63 9.50 -32.23 23.19
CA LEU B 63 10.66 -31.38 22.95
C LEU B 63 11.52 -31.19 24.19
N SER B 64 12.79 -30.90 23.96
CA SER B 64 13.69 -30.52 25.04
C SER B 64 13.34 -29.14 25.58
N LEU B 65 13.54 -28.92 26.87
CA LEU B 65 13.25 -27.60 27.45
C LEU B 65 14.22 -26.54 26.93
N THR B 66 15.32 -26.98 26.31
CA THR B 66 16.28 -26.04 25.72
C THR B 66 16.25 -26.02 24.19
N ASP B 67 15.23 -26.63 23.60
CA ASP B 67 15.00 -26.52 22.16
C ASP B 67 14.61 -25.08 21.81
N ILE B 68 14.63 -24.77 20.51
CA ILE B 68 14.20 -23.46 20.03
C ILE B 68 12.76 -23.22 20.45
N GLY B 69 11.93 -24.25 20.24
CA GLY B 69 10.52 -24.14 20.56
C GLY B 69 9.71 -25.07 19.69
N ARG B 70 8.41 -25.02 19.86
CA ARG B 70 7.51 -25.90 19.11
C ARG B 70 7.30 -25.28 17.74
N LYS B 71 7.32 -26.13 16.70
CA LYS B 71 7.19 -25.62 15.33
C LYS B 71 5.84 -24.99 15.02
N SER B 72 5.89 -23.85 14.33
CA SER B 72 4.68 -23.13 13.91
C SER B 72 5.07 -22.29 12.71
N VAL B 73 4.16 -21.42 12.29
CA VAL B 73 4.45 -20.49 11.20
C VAL B 73 3.96 -19.09 11.52
N ARG B 74 4.52 -18.12 10.82
CA ARG B 74 4.13 -16.73 10.92
C ARG B 74 4.14 -16.18 9.50
N LEU B 75 2.97 -15.84 9.02
CA LEU B 75 2.80 -15.39 7.64
C LEU B 75 2.60 -13.89 7.61
N GLU B 76 3.38 -13.19 6.78
CA GLU B 76 3.27 -11.75 6.68
C GLU B 76 2.97 -11.39 5.23
N SER B 77 1.91 -10.60 5.00
CA SER B 77 1.49 -10.38 3.62
C SER B 77 2.58 -9.68 2.81
N THR B 78 2.75 -10.13 1.56
CA THR B 78 3.75 -9.52 0.69
C THR B 78 3.25 -8.17 0.22
N ASP B 79 1.93 -8.05 0.05
CA ASP B 79 1.30 -6.79 -0.34
C ASP B 79 0.69 -6.10 0.87
N LYS B 80 0.74 -4.77 0.87
CA LYS B 80 0.22 -4.02 2.01
C LYS B 80 -1.23 -3.61 1.82
N ILE B 81 -1.92 -3.39 2.93
CA ILE B 81 -3.26 -2.84 2.94
C ILE B 81 -3.22 -1.37 3.36
N ASP B 82 -4.15 -0.58 2.83
CA ASP B 82 -4.18 0.86 3.08
C ASP B 82 -5.60 1.36 3.12
N HIS B 83 -6.13 1.54 4.32
CA HIS B 83 -7.54 1.87 4.51
C HIS B 83 -8.44 0.82 3.85
N GLY B 84 -9.72 1.14 3.68
CA GLY B 84 -10.64 0.21 3.05
C GLY B 84 -11.21 -0.82 4.01
N LEU B 85 -11.58 -1.97 3.47
CA LEU B 85 -12.14 -3.07 4.24
C LEU B 85 -11.27 -4.29 4.11
N VAL B 86 -11.06 -4.99 5.23
CA VAL B 86 -10.42 -6.29 5.21
C VAL B 86 -11.43 -7.28 5.77
N ILE B 87 -11.66 -8.38 5.05
CA ILE B 87 -12.61 -9.38 5.51
C ILE B 87 -11.95 -10.75 5.54
N ALA B 88 -11.88 -11.36 6.72
CA ALA B 88 -11.27 -12.69 6.86
C ALA B 88 -12.31 -13.70 7.32
N ASP B 89 -12.58 -14.69 6.49
CA ASP B 89 -13.47 -15.78 6.90
C ASP B 89 -12.60 -16.89 7.46
N ILE B 90 -12.75 -17.13 8.75
CA ILE B 90 -11.89 -18.06 9.48
C ILE B 90 -12.75 -19.16 10.08
N LYS B 91 -12.50 -20.40 9.67
CA LYS B 91 -13.26 -21.54 10.17
C LYS B 91 -12.78 -21.98 11.56
N HIS B 92 -11.48 -21.84 11.82
CA HIS B 92 -10.89 -22.36 13.05
C HIS B 92 -9.70 -21.47 13.39
N MET B 93 -9.45 -21.26 14.68
CA MET B 93 -8.25 -20.55 15.14
C MET B 93 -7.66 -21.35 16.29
N PRO B 94 -6.42 -21.04 16.69
CA PRO B 94 -5.88 -21.86 17.78
C PRO B 94 -6.76 -21.81 19.04
N GLY B 95 -6.93 -22.97 19.67
CA GLY B 95 -7.85 -23.09 20.79
C GLY B 95 -7.41 -22.39 22.06
N SER B 96 -8.27 -22.45 23.08
CA SER B 96 -7.97 -21.86 24.38
C SER B 96 -7.11 -22.83 25.18
N ILE B 97 -5.85 -22.92 24.77
CA ILE B 97 -4.93 -23.97 25.20
C ILE B 97 -3.75 -23.34 25.95
N CYS B 98 -3.39 -23.94 27.09
CA CYS B 98 -2.26 -23.46 27.87
C CYS B 98 -1.02 -23.33 27.01
N GLY B 99 -0.41 -22.15 27.07
CA GLY B 99 0.82 -21.85 26.36
C GLY B 99 0.66 -21.20 25.00
N ALA B 100 -0.53 -21.30 24.40
CA ALA B 100 -0.74 -20.78 23.04
C ALA B 100 -0.88 -19.26 22.98
N TRP B 101 -0.42 -18.67 21.89
CA TRP B 101 -0.56 -17.23 21.69
C TRP B 101 -0.76 -16.96 20.20
N PRO B 102 -2.01 -17.12 19.72
CA PRO B 102 -2.33 -16.85 18.32
C PRO B 102 -2.59 -15.36 18.08
N ALA B 103 -2.36 -14.91 16.85
CA ALA B 103 -2.66 -13.52 16.51
C ALA B 103 -2.91 -13.32 15.04
N PHE B 104 -3.92 -12.50 14.75
CA PHE B 104 -4.16 -11.96 13.40
C PHE B 104 -4.07 -10.44 13.59
N TRP B 105 -3.07 -9.85 12.96
CA TRP B 105 -2.73 -8.46 13.31
C TRP B 105 -2.04 -7.76 12.15
N THR B 106 -1.73 -6.48 12.32
CA THR B 106 -1.06 -5.70 11.27
C THR B 106 0.22 -5.06 11.79
N VAL B 107 1.24 -5.02 10.93
CA VAL B 107 2.57 -4.53 11.31
C VAL B 107 3.07 -3.46 10.34
N GLY B 108 3.82 -2.50 10.87
CA GLY B 108 4.42 -1.44 10.07
C GLY B 108 5.88 -1.72 9.72
N ASP B 109 6.63 -0.69 9.34
CA ASP B 109 8.04 -0.83 8.95
C ASP B 109 8.91 -1.36 10.07
N THR B 110 8.66 -0.84 11.28
CA THR B 110 9.34 -1.22 12.48
C THR B 110 8.37 -1.60 13.63
N TRP B 111 8.70 -2.69 14.31
CA TRP B 111 7.94 -3.22 15.41
C TRP B 111 8.83 -3.30 16.63
N PRO B 112 8.36 -2.90 17.79
CA PRO B 112 6.99 -2.44 18.04
C PRO B 112 6.75 -0.95 17.79
N ASP B 113 7.81 -0.22 17.44
CA ASP B 113 7.77 1.26 17.46
C ASP B 113 6.68 1.96 16.63
N ASP B 114 6.30 1.38 15.49
CA ASP B 114 5.31 2.03 14.65
C ASP B 114 3.88 1.74 15.12
N GLY B 115 3.76 0.90 16.14
CA GLY B 115 2.44 0.49 16.62
C GLY B 115 1.88 -0.63 15.78
N GLU B 116 0.63 -1.00 16.06
CA GLU B 116 0.03 -2.16 15.42
C GLU B 116 -1.46 -2.23 15.68
N ILE B 117 -2.16 -2.97 14.80
CA ILE B 117 -3.58 -3.24 14.97
C ILE B 117 -3.73 -4.72 15.25
N ASP B 118 -4.15 -5.08 16.46
CA ASP B 118 -4.34 -6.49 16.79
C ASP B 118 -5.82 -6.84 16.65
N ILE B 119 -6.15 -7.59 15.59
CA ILE B 119 -7.53 -7.89 15.26
C ILE B 119 -8.04 -9.08 16.08
N ILE B 120 -7.28 -10.17 16.07
CA ILE B 120 -7.53 -11.31 16.93
C ILE B 120 -6.28 -11.53 17.76
N GLU B 121 -6.41 -11.57 19.08
CA GLU B 121 -5.27 -11.90 19.89
C GLU B 121 -5.70 -12.42 21.24
N GLY B 122 -4.96 -13.39 21.77
CA GLY B 122 -5.25 -13.90 23.09
C GLY B 122 -4.14 -14.82 23.53
N VAL B 123 -4.18 -15.26 24.79
CA VAL B 123 -3.15 -16.16 25.31
C VAL B 123 -3.77 -17.25 26.15
N ASN B 124 -3.13 -18.43 26.15
CA ASN B 124 -3.50 -19.51 27.05
C ASN B 124 -4.99 -19.83 26.96
N THR B 125 -5.68 -19.92 28.10
CA THR B 125 -7.06 -20.39 28.09
C THR B 125 -8.10 -19.27 27.97
N GLN B 126 -7.68 -18.14 27.43
CA GLN B 126 -8.57 -17.02 27.18
C GLN B 126 -9.78 -17.45 26.34
N SER B 127 -10.95 -16.91 26.66
CA SER B 127 -12.17 -17.37 25.99
C SER B 127 -12.86 -16.31 25.13
N GLN B 128 -12.50 -15.04 25.32
CA GLN B 128 -13.04 -13.96 24.52
C GLN B 128 -11.89 -13.24 23.83
N ASN B 129 -12.13 -12.67 22.65
CA ASN B 129 -11.07 -12.00 21.91
C ASN B 129 -10.64 -10.73 22.60
N THR B 130 -9.36 -10.38 22.52
CA THR B 130 -8.96 -9.03 22.89
C THR B 130 -8.41 -8.31 21.67
N MET B 131 -9.10 -7.24 21.30
CA MET B 131 -8.68 -6.40 20.19
C MET B 131 -7.85 -5.30 20.80
N VAL B 132 -6.71 -5.01 20.19
CA VAL B 132 -5.80 -4.03 20.78
C VAL B 132 -5.19 -3.14 19.70
N LEU B 133 -5.15 -1.83 19.96
CA LEU B 133 -4.32 -0.96 19.13
C LEU B 133 -3.17 -0.41 19.95
N HIS B 134 -2.02 -0.26 19.30
CA HIS B 134 -0.92 0.52 19.86
C HIS B 134 -0.58 1.60 18.83
N THR B 135 -0.52 2.85 19.26
CA THR B 135 -0.30 3.98 18.34
C THR B 135 0.92 4.78 18.78
N LYS B 136 1.58 5.47 17.85
CA LYS B 136 2.64 6.40 18.27
C LYS B 136 2.06 7.65 18.92
N GLY B 137 0.94 8.14 18.39
CA GLY B 137 0.33 9.36 18.87
C GLY B 137 -0.59 9.18 20.05
N ASN B 138 -0.96 10.30 20.67
CA ASN B 138 -1.90 10.30 21.79
C ASN B 138 -3.33 10.04 21.32
N CYS B 139 -3.83 8.87 21.67
CA CYS B 139 -5.12 8.41 21.17
C CYS B 139 -5.92 7.78 22.29
N GLU B 140 -7.04 8.40 22.63
CA GLU B 140 -7.95 7.84 23.62
C GLU B 140 -9.21 7.39 22.90
N ILE B 141 -9.59 6.13 23.07
CA ILE B 141 -10.82 5.65 22.45
C ILE B 141 -12.01 5.96 23.35
N THR B 142 -13.10 6.45 22.75
CA THR B 142 -14.22 6.99 23.52
C THR B 142 -15.58 6.55 22.98
N SER B 143 -15.59 5.49 22.19
CA SER B 143 -16.79 5.11 21.46
C SER B 143 -17.48 3.87 22.03
N ASP B 144 -17.50 3.77 23.36
CA ASP B 144 -18.09 2.61 24.01
C ASP B 144 -19.61 2.55 23.90
N ASP B 145 -20.26 3.65 23.51
CA ASP B 145 -21.70 3.60 23.31
C ASP B 145 -22.07 3.12 21.91
N ASP B 146 -21.07 2.82 21.08
CA ASP B 146 -21.32 2.15 19.79
C ASP B 146 -20.33 1.01 19.59
N GLN B 147 -20.35 0.08 20.51
CA GLN B 147 -19.57 -1.15 20.41
C GLN B 147 -20.10 -2.21 21.38
N THR B 148 -20.09 -3.46 20.95
CA THR B 148 -20.58 -4.55 21.79
C THR B 148 -19.53 -5.04 22.76
N GLY B 149 -18.27 -4.80 22.43
CA GLY B 149 -17.18 -5.21 23.30
C GLY B 149 -17.02 -4.26 24.47
N THR B 150 -16.20 -4.66 25.44
CA THR B 150 -15.98 -3.85 26.64
C THR B 150 -14.56 -3.30 26.68
N THR B 151 -14.45 -1.97 26.72
CA THR B 151 -13.15 -1.30 26.74
C THR B 151 -12.49 -1.50 28.10
N THR B 152 -11.35 -2.17 28.10
CA THR B 152 -10.65 -2.43 29.36
C THR B 152 -9.49 -1.46 29.59
N SER B 153 -9.00 -0.86 28.51
CA SER B 153 -8.03 0.22 28.62
CA SER B 153 -7.95 0.15 28.57
C SER B 153 -8.20 1.15 27.43
N ASN B 154 -8.22 2.45 27.71
CA ASN B 154 -8.62 3.41 26.67
C ASN B 154 -7.53 4.22 25.98
N GLN B 155 -6.27 4.05 26.39
CA GLN B 155 -5.17 4.86 25.85
C GLN B 155 -4.29 4.00 24.95
N CYS B 156 -4.25 4.34 23.66
CA CYS B 156 -3.53 3.52 22.70
C CYS B 156 -2.04 3.76 22.66
N SER B 157 -1.59 4.93 23.12
CA SER B 157 -0.23 5.36 22.85
C SER B 157 0.82 4.46 23.49
N LEU B 158 1.90 4.18 22.75
CA LEU B 158 3.03 3.44 23.29
C LEU B 158 3.63 4.17 24.49
N ASP B 159 3.52 5.49 24.48
CA ASP B 159 4.12 6.30 25.55
C ASP B 159 3.23 6.42 26.79
N ALA B 160 1.93 6.22 26.62
CA ALA B 160 1.02 6.18 27.77
C ALA B 160 1.26 4.92 28.58
N GLY B 161 1.60 3.83 27.90
CA GLY B 161 1.86 2.56 28.56
C GLY B 161 1.92 1.41 27.58
N PRO B 162 2.33 0.25 28.07
CA PRO B 162 2.51 -0.92 27.20
C PRO B 162 1.20 -1.65 26.85
N ALA B 163 0.11 -1.39 27.57
CA ALA B 163 -1.11 -2.17 27.36
C ALA B 163 -1.79 -1.85 26.03
N GLY B 164 -1.65 -0.62 25.56
CA GLY B 164 -2.39 -0.16 24.41
C GLY B 164 -3.84 0.07 24.78
N CYS B 165 -4.67 0.38 23.80
CA CYS B 165 -6.11 0.46 24.04
C CYS B 165 -6.74 -0.88 23.69
N VAL B 166 -7.40 -1.46 24.69
CA VAL B 166 -7.86 -2.84 24.64
C VAL B 166 -9.38 -2.93 24.74
N VAL B 167 -9.99 -3.68 23.83
CA VAL B 167 -11.42 -3.95 23.91
C VAL B 167 -11.64 -5.45 23.98
N GLN B 168 -12.31 -5.90 25.03
CA GLN B 168 -12.66 -7.31 25.22
C GLN B 168 -13.83 -7.67 24.33
N GLY B 169 -13.69 -8.73 23.53
CA GLY B 169 -14.78 -9.16 22.66
C GLY B 169 -15.87 -9.90 23.42
N THR B 170 -16.83 -10.44 22.69
CA THR B 170 -18.02 -11.07 23.27
C THR B 170 -17.91 -12.60 23.22
N PRO B 171 -18.84 -13.31 23.88
CA PRO B 171 -18.70 -14.78 23.88
C PRO B 171 -18.66 -15.39 22.48
N GLY B 172 -17.81 -16.40 22.31
CA GLY B 172 -17.67 -17.09 21.04
C GLY B 172 -16.71 -16.43 20.06
N SER B 173 -16.09 -15.32 20.46
CA SER B 173 -15.25 -14.53 19.55
C SER B 173 -13.79 -15.00 19.47
N TYR B 174 -13.44 -16.02 20.25
CA TYR B 174 -12.04 -16.43 20.36
C TYR B 174 -11.87 -17.89 20.74
N GLY B 175 -10.79 -18.49 20.24
CA GLY B 175 -10.29 -19.76 20.75
C GLY B 175 -11.29 -20.89 20.66
N SER B 176 -11.41 -21.64 21.75
CA SER B 176 -12.24 -22.84 21.73
C SER B 176 -13.73 -22.56 21.46
N SER B 177 -14.27 -21.50 22.07
CA SER B 177 -15.68 -21.16 21.85
C SER B 177 -15.94 -20.71 20.41
N PHE B 178 -14.95 -20.03 19.83
CA PHE B 178 -14.98 -19.67 18.42
C PHE B 178 -15.03 -20.93 17.55
N ASN B 179 -14.13 -21.87 17.80
CA ASN B 179 -14.06 -23.09 17.01
C ASN B 179 -15.33 -23.94 17.08
N GLU B 180 -15.94 -23.99 18.26
CA GLU B 180 -17.07 -24.91 18.44
C GLU B 180 -18.29 -24.46 17.64
N GLN B 181 -18.32 -23.19 17.24
CA GLN B 181 -19.44 -22.71 16.45
C GLN B 181 -19.05 -22.54 14.99
N GLY B 182 -17.87 -23.06 14.64
CA GLY B 182 -17.44 -23.06 13.26
C GLY B 182 -16.87 -21.72 12.83
N GLY B 183 -16.34 -20.99 13.81
CA GLY B 183 -15.70 -19.72 13.54
C GLY B 183 -16.64 -18.66 13.05
N GLY B 184 -16.18 -17.86 12.09
CA GLY B 184 -16.98 -16.81 11.52
C GLY B 184 -16.13 -15.84 10.71
N VAL B 185 -16.57 -14.59 10.65
CA VAL B 185 -15.88 -13.58 9.86
C VAL B 185 -15.39 -12.45 10.75
N TYR B 186 -14.12 -12.08 10.59
CA TYR B 186 -13.62 -10.85 11.18
C TYR B 186 -13.48 -9.80 10.09
N ALA B 187 -14.02 -8.60 10.35
CA ALA B 187 -13.95 -7.53 9.37
C ALA B 187 -13.37 -6.29 10.02
N MET B 188 -12.53 -5.60 9.26
CA MET B 188 -11.99 -4.31 9.70
C MET B 188 -12.32 -3.25 8.68
N GLN B 189 -12.89 -2.14 9.15
CA GLN B 189 -13.03 -0.92 8.34
C GLN B 189 -12.03 0.12 8.84
N TRP B 190 -11.19 0.60 7.95
CA TRP B 190 -10.10 1.52 8.32
C TRP B 190 -10.23 2.81 7.51
N THR B 191 -10.52 3.91 8.21
CA THR B 191 -10.65 5.22 7.57
C THR B 191 -9.68 6.15 8.28
N ASP B 192 -9.57 7.40 7.85
CA ASP B 192 -8.72 8.35 8.56
C ASP B 192 -9.11 8.43 10.03
N GLU B 193 -10.41 8.44 10.29
CA GLU B 193 -10.91 8.75 11.62
C GLU B 193 -10.90 7.56 12.57
N PHE B 194 -11.09 6.35 12.05
CA PHE B 194 -11.31 5.22 12.94
C PHE B 194 -10.88 3.89 12.36
N ILE B 195 -10.78 2.91 13.26
CA ILE B 195 -10.71 1.51 12.89
C ILE B 195 -11.83 0.80 13.61
N LYS B 196 -12.73 0.18 12.86
CA LYS B 196 -13.82 -0.60 13.44
C LYS B 196 -13.60 -2.07 13.14
N LEU B 197 -13.75 -2.90 14.16
CA LEU B 197 -13.60 -4.34 14.01
C LEU B 197 -14.93 -5.01 14.32
N TRP B 198 -15.36 -5.91 13.43
CA TRP B 198 -16.57 -6.71 13.68
C TRP B 198 -16.22 -8.18 13.76
N PHE B 199 -16.94 -8.92 14.61
CA PHE B 199 -16.95 -10.37 14.56
C PHE B 199 -18.35 -10.84 14.24
N PHE B 200 -18.51 -11.55 13.13
CA PHE B 200 -19.78 -12.18 12.79
C PHE B 200 -19.66 -13.68 12.97
N PRO B 201 -20.42 -14.26 13.91
CA PRO B 201 -20.43 -15.72 14.05
C PRO B 201 -20.85 -16.40 12.75
N ARG B 202 -20.47 -17.66 12.59
CA ARG B 202 -20.76 -18.44 11.39
C ARG B 202 -22.25 -18.37 11.04
N SER B 203 -23.09 -18.36 12.06
CA SER B 203 -24.55 -18.38 11.88
C SER B 203 -25.15 -17.01 11.62
N ALA B 204 -24.32 -15.97 11.60
CA ALA B 204 -24.82 -14.60 11.45
C ALA B 204 -23.94 -13.70 10.58
N ILE B 205 -23.49 -14.24 9.45
CA ILE B 205 -22.65 -13.45 8.53
C ILE B 205 -23.52 -12.61 7.61
N PRO B 206 -23.24 -11.29 7.54
CA PRO B 206 -24.02 -10.40 6.67
C PRO B 206 -24.03 -10.87 5.22
N LYS B 207 -25.21 -10.86 4.60
CA LYS B 207 -25.36 -11.32 3.22
C LYS B 207 -24.48 -10.53 2.24
N SER B 208 -24.31 -9.24 2.49
CA SER B 208 -23.51 -8.41 1.59
C SER B 208 -22.02 -8.79 1.58
N ILE B 209 -21.56 -9.42 2.65
CA ILE B 209 -20.18 -9.91 2.69
C ILE B 209 -20.09 -11.18 1.87
N GLU B 210 -21.08 -12.05 2.02
CA GLU B 210 -21.09 -13.30 1.27
C GLU B 210 -21.15 -13.07 -0.24
N SER B 211 -21.71 -11.94 -0.66
CA SER B 211 -21.89 -11.64 -2.08
C SER B 211 -20.81 -10.71 -2.62
N ASP B 212 -19.78 -10.46 -1.82
CA ASP B 212 -18.63 -9.64 -2.22
C ASP B 212 -18.98 -8.22 -2.65
N SER B 213 -20.06 -7.66 -2.09
CA SER B 213 -20.37 -6.25 -2.26
C SER B 213 -20.76 -5.69 -0.89
N PRO B 214 -19.80 -5.69 0.05
CA PRO B 214 -20.10 -5.43 1.46
C PRO B 214 -20.75 -4.07 1.69
N ASP B 215 -21.79 -4.05 2.50
CA ASP B 215 -22.52 -2.83 2.83
C ASP B 215 -22.33 -2.57 4.32
N VAL B 216 -21.47 -1.62 4.67
CA VAL B 216 -21.11 -1.41 6.07
C VAL B 216 -22.33 -1.05 6.93
N SER B 217 -23.32 -0.40 6.32
CA SER B 217 -24.53 -0.03 7.05
C SER B 217 -25.35 -1.22 7.56
N GLU B 218 -25.09 -2.42 7.05
CA GLU B 218 -25.81 -3.61 7.55
C GLU B 218 -24.96 -4.46 8.50
N PHE B 219 -23.75 -4.01 8.80
CA PHE B 219 -22.85 -4.75 9.69
C PHE B 219 -23.30 -4.70 11.15
N GLY B 220 -24.06 -3.68 11.52
CA GLY B 220 -24.46 -3.51 12.89
C GLY B 220 -23.35 -2.91 13.74
N THR B 221 -23.51 -2.95 15.04
CA THR B 221 -22.55 -2.38 16.02
C THR B 221 -21.19 -3.09 15.90
N PRO B 222 -20.12 -2.36 15.81
CA PRO B 222 -18.80 -2.98 15.83
C PRO B 222 -18.53 -3.66 17.14
N MET B 223 -17.68 -4.71 17.16
CA MET B 223 -17.29 -5.32 18.42
C MET B 223 -16.25 -4.44 19.11
N GLY B 224 -15.36 -3.84 18.32
CA GLY B 224 -14.41 -2.85 18.82
C GLY B 224 -14.46 -1.60 17.95
N ASN B 225 -14.73 -0.46 18.58
CA ASN B 225 -14.86 0.79 17.85
C ASN B 225 -13.70 1.72 18.22
N PHE B 226 -12.62 1.67 17.45
CA PHE B 226 -11.43 2.46 17.78
C PHE B 226 -11.52 3.84 17.16
N LYS B 227 -12.08 4.75 17.94
CA LYS B 227 -12.43 6.08 17.48
C LYS B 227 -12.37 6.95 18.73
N GLY B 228 -11.89 8.18 18.60
CA GLY B 228 -11.78 9.02 19.77
C GLY B 228 -10.98 10.28 19.57
N THR B 229 -9.98 10.50 20.44
CA THR B 229 -9.32 11.80 20.52
C THR B 229 -8.17 12.01 19.53
N CYS B 230 -7.99 11.06 18.61
CA CYS B 230 -7.05 11.23 17.51
C CYS B 230 -7.67 10.62 16.26
N ASP B 231 -7.13 10.97 15.10
CA ASP B 231 -7.56 10.31 13.87
C ASP B 231 -6.87 8.96 13.82
N ILE B 232 -7.55 7.96 14.37
CA ILE B 232 -6.95 6.64 14.62
C ILE B 232 -6.32 6.03 13.36
N GLY B 233 -6.99 6.18 12.23
CA GLY B 233 -6.54 5.56 11.00
C GLY B 233 -5.28 6.19 10.43
N LYS B 234 -5.03 7.45 10.79
CA LYS B 234 -3.85 8.14 10.31
C LYS B 234 -2.61 7.77 11.11
N GLU B 235 -2.80 7.02 12.19
CA GLU B 235 -1.67 6.58 12.99
C GLU B 235 -0.89 5.47 12.31
N PHE B 236 -1.46 4.92 11.24
CA PHE B 236 -0.86 3.78 10.56
C PHE B 236 -0.57 4.05 9.09
N LYS B 237 0.66 3.73 8.69
CA LYS B 237 1.05 3.71 7.28
C LYS B 237 0.50 2.40 6.71
N PRO B 238 0.61 2.19 5.39
CA PRO B 238 0.16 0.89 4.87
C PRO B 238 0.77 -0.29 5.63
N GLN B 239 -0.07 -1.27 5.93
CA GLN B 239 0.28 -2.32 6.88
C GLN B 239 0.44 -3.67 6.18
N LYS B 240 1.29 -4.53 6.75
CA LYS B 240 1.31 -5.92 6.33
C LYS B 240 0.38 -6.69 7.25
N LEU B 241 -0.39 -7.62 6.70
CA LEU B 241 -1.26 -8.48 7.49
C LEU B 241 -0.47 -9.67 8.00
N VAL B 242 -0.67 -10.05 9.26
CA VAL B 242 0.07 -11.16 9.83
C VAL B 242 -0.84 -12.19 10.49
N PHE B 243 -0.62 -13.47 10.17
CA PHE B 243 -1.22 -14.55 10.94
C PHE B 243 -0.09 -15.33 11.60
N ASP B 244 -0.19 -15.56 12.90
CA ASP B 244 0.81 -16.40 13.54
C ASP B 244 0.25 -17.17 14.71
N THR B 245 0.99 -18.18 15.13
CA THR B 245 0.83 -18.75 16.46
C THR B 245 2.19 -18.91 17.10
N THR B 246 2.40 -18.24 18.21
CA THR B 246 3.60 -18.48 19.00
C THR B 246 3.20 -19.15 20.33
N PHE B 247 4.18 -19.40 21.20
CA PHE B 247 3.94 -20.06 22.48
C PHE B 247 4.68 -19.30 23.58
N CYS B 248 4.08 -19.18 24.75
CA CYS B 248 4.74 -18.59 25.90
C CYS B 248 5.27 -17.19 25.57
N GLY B 249 6.55 -16.92 25.82
CA GLY B 249 7.13 -15.63 25.47
C GLY B 249 6.60 -14.45 26.24
N ASP B 250 6.72 -13.26 25.66
CA ASP B 250 6.45 -11.98 26.36
C ASP B 250 5.10 -11.91 27.09
N TRP B 251 4.03 -12.28 26.39
CA TRP B 251 2.69 -12.18 26.99
C TRP B 251 2.25 -13.52 27.57
N ALA B 252 2.04 -14.52 26.73
CA ALA B 252 1.53 -15.81 27.19
C ALA B 252 2.37 -16.42 28.30
N GLY B 253 3.70 -16.30 28.19
CA GLY B 253 4.60 -16.87 29.16
C GLY B 253 4.57 -16.13 30.50
N SER B 254 4.42 -14.81 30.45
CA SER B 254 4.46 -14.02 31.68
CA SER B 254 4.43 -13.99 31.66
C SER B 254 3.19 -14.20 32.53
N VAL B 255 2.04 -14.38 31.88
CA VAL B 255 0.77 -14.48 32.59
C VAL B 255 0.26 -15.91 32.75
N TYR B 256 1.02 -16.87 32.24
CA TYR B 256 0.70 -18.29 32.34
C TYR B 256 0.52 -18.69 33.80
N GLY B 257 -0.56 -19.41 34.08
CA GLY B 257 -0.76 -19.94 35.42
C GLY B 257 -1.61 -19.04 36.29
N GLN B 258 -1.88 -17.84 35.77
CA GLN B 258 -2.55 -16.79 36.53
C GLN B 258 -4.00 -16.64 36.11
N SER B 259 -4.90 -17.00 37.02
CA SER B 259 -6.35 -16.97 36.76
C SER B 259 -6.70 -17.73 35.48
N ASP B 260 -5.97 -18.81 35.20
CA ASP B 260 -6.12 -19.48 33.90
C ASP B 260 -6.14 -21.02 33.89
N SER B 261 -5.92 -21.63 35.05
CA SER B 261 -5.97 -23.09 35.20
C SER B 261 -4.82 -23.87 34.53
N CYS B 262 -3.75 -23.18 34.17
CA CYS B 262 -2.59 -23.85 33.59
C CYS B 262 -1.61 -24.27 34.68
N PRO B 263 -1.06 -25.49 34.58
CA PRO B 263 -0.28 -26.04 35.69
C PRO B 263 1.11 -25.43 35.87
N LEU B 264 1.43 -25.12 37.11
CA LEU B 264 2.75 -24.61 37.44
C LEU B 264 3.65 -25.76 37.91
N THR B 265 4.69 -26.03 37.15
CA THR B 265 5.56 -27.18 37.39
C THR B 265 7.00 -26.75 37.59
N LYS B 266 7.33 -25.53 37.20
CA LYS B 266 8.72 -25.07 37.26
C LYS B 266 8.87 -23.80 38.08
N GLU B 267 9.99 -23.11 37.89
CA GLU B 267 10.39 -22.09 38.86
C GLU B 267 9.62 -20.76 38.73
N ASP B 268 9.05 -20.52 37.55
CA ASP B 268 8.16 -19.37 37.36
C ASP B 268 7.19 -19.64 36.22
N SER B 269 6.33 -18.65 35.94
CA SER B 269 5.30 -18.82 34.92
CA SER B 269 5.30 -18.79 34.91
C SER B 269 5.89 -19.16 33.55
N LEU B 270 6.93 -18.44 33.15
CA LEU B 270 7.54 -18.68 31.85
C LEU B 270 8.10 -20.10 31.72
N ALA B 271 8.87 -20.54 32.71
CA ALA B 271 9.43 -21.89 32.68
C ALA B 271 8.34 -22.95 32.72
N SER B 272 7.28 -22.69 33.47
CA SER B 272 6.16 -23.63 33.54
C SER B 272 5.44 -23.70 32.21
N CYS B 273 5.33 -22.55 31.55
CA CYS B 273 4.73 -22.50 30.22
C CYS B 273 5.54 -23.34 29.25
N ILE B 274 6.86 -23.15 29.26
CA ILE B 274 7.75 -23.92 28.40
C ILE B 274 7.62 -25.43 28.65
N ASP B 275 7.50 -25.82 29.92
CA ASP B 275 7.37 -27.22 30.29
C ASP B 275 6.10 -27.81 29.64
N PHE B 276 5.00 -27.07 29.74
CA PHE B 276 3.73 -27.52 29.18
C PHE B 276 3.83 -27.67 27.67
N VAL B 277 4.32 -26.63 27.00
CA VAL B 277 4.39 -26.67 25.53
C VAL B 277 5.36 -27.75 25.04
N ALA B 278 6.47 -27.94 25.74
CA ALA B 278 7.46 -28.94 25.35
C ALA B 278 6.97 -30.36 25.56
N THR B 279 6.25 -30.60 26.66
CA THR B 279 5.95 -31.96 27.07
C THR B 279 4.55 -32.48 26.74
N LYS B 280 3.65 -31.62 26.27
CA LYS B 280 2.29 -32.05 25.97
C LYS B 280 1.89 -31.78 24.52
N PRO B 281 2.61 -32.40 23.57
CA PRO B 281 2.33 -32.10 22.16
C PRO B 281 0.87 -32.32 21.76
N GLU B 282 0.26 -33.38 22.27
CA GLU B 282 -1.12 -33.72 21.91
C GLU B 282 -2.09 -32.61 22.26
N GLU B 283 -1.73 -31.77 23.23
CA GLU B 283 -2.63 -30.71 23.66
C GLU B 283 -2.73 -29.61 22.62
N PHE B 284 -1.89 -29.69 21.59
CA PHE B 284 -1.88 -28.67 20.55
C PHE B 284 -2.46 -29.10 19.21
N LYS B 285 -3.17 -30.22 19.20
CA LYS B 285 -3.93 -30.65 18.02
C LYS B 285 -4.84 -29.54 17.54
N GLU B 286 -5.50 -28.87 18.49
CA GLU B 286 -6.45 -27.82 18.15
C GLU B 286 -5.80 -26.44 18.00
N ALA B 287 -4.47 -26.37 18.06
CA ALA B 287 -3.79 -25.08 17.94
C ALA B 287 -3.48 -24.76 16.48
N TYR B 288 -4.53 -24.65 15.66
CA TYR B 288 -4.36 -24.36 14.24
C TYR B 288 -5.35 -23.33 13.74
N TRP B 289 -4.94 -22.62 12.70
CA TRP B 289 -5.82 -21.77 11.92
C TRP B 289 -6.37 -22.56 10.74
N GLU B 290 -7.67 -22.41 10.45
CA GLU B 290 -8.19 -22.82 9.16
C GLU B 290 -8.88 -21.62 8.59
N ILE B 291 -8.31 -21.06 7.52
CA ILE B 291 -8.78 -19.81 6.96
C ILE B 291 -9.44 -20.08 5.62
N ASN B 292 -10.72 -19.72 5.51
CA ASN B 292 -11.45 -19.90 4.24
C ASN B 292 -11.00 -18.90 3.17
N TYR B 293 -10.98 -17.62 3.52
CA TYR B 293 -10.52 -16.60 2.59
C TYR B 293 -10.12 -15.31 3.28
N LEU B 294 -9.35 -14.49 2.56
CA LEU B 294 -9.02 -13.15 2.98
C LEU B 294 -9.31 -12.26 1.79
N LYS B 295 -10.23 -11.32 1.95
CA LYS B 295 -10.59 -10.39 0.89
C LYS B 295 -10.39 -8.95 1.31
N THR B 296 -9.88 -8.13 0.40
CA THR B 296 -9.71 -6.70 0.66
C THR B 296 -10.59 -5.91 -0.29
N TYR B 297 -11.03 -4.74 0.16
CA TYR B 297 -11.91 -3.86 -0.61
C TYR B 297 -11.45 -2.41 -0.47
N THR B 298 -11.70 -1.61 -1.49
CA THR B 298 -11.41 -0.17 -1.38
C THR B 298 -12.65 0.66 -1.68
#